data_4V1F
#
_entry.id   4V1F
#
_cell.length_a   75.048
_cell.length_b   75.048
_cell.length_c   166.550
_cell.angle_alpha   90.00
_cell.angle_beta   90.00
_cell.angle_gamma   120.00
#
_symmetry.space_group_name_H-M   'H 3'
#
loop_
_entity.id
_entity.type
_entity.pdbx_description
1 polymer 'F0F1 ATP SYNTHASE SUBUNIT C'
2 non-polymer Bedaquiline
3 non-polymer 'octyl beta-D-glucopyranoside'
4 water water
#
_entity_poly.entity_id   1
_entity_poly.type   'polypeptide(L)'
_entity_poly.pdbx_seq_one_letter_code
;MELDPNALITAGALIGGGLIMGGGAIGAGIGDGIAGNALISGIARQPEAQGRLFTPFFITVGLVEAAYFINLAFMALFVF
ATPGLQ
;
_entity_poly.pdbx_strand_id   A,B,C
#
# COMPACT_ATOMS: atom_id res chain seq x y z
N MET A 1 6.99 -39.06 -5.65
CA MET A 1 5.79 -39.85 -5.91
C MET A 1 4.60 -38.91 -6.14
N GLU A 2 3.87 -38.64 -5.05
CA GLU A 2 2.81 -37.64 -5.05
C GLU A 2 3.43 -36.25 -4.90
N LEU A 3 2.80 -35.40 -4.11
CA LEU A 3 3.26 -34.03 -3.90
C LEU A 3 4.63 -34.01 -3.23
N ASP A 4 5.33 -32.89 -3.36
CA ASP A 4 6.53 -32.66 -2.57
C ASP A 4 6.40 -31.26 -1.93
N PRO A 5 7.25 -30.96 -0.93
CA PRO A 5 7.09 -29.67 -0.26
C PRO A 5 7.13 -28.48 -1.22
N ASN A 6 8.04 -28.48 -2.18
CA ASN A 6 8.16 -27.31 -3.05
C ASN A 6 6.95 -27.11 -3.95
N ALA A 7 6.21 -28.17 -4.25
CA ALA A 7 4.97 -27.98 -5.02
C ALA A 7 4.00 -27.04 -4.30
N LEU A 8 3.85 -27.24 -2.99
CA LEU A 8 2.98 -26.40 -2.18
C LEU A 8 3.59 -24.99 -2.00
N ILE A 9 4.90 -24.91 -1.77
CA ILE A 9 5.54 -23.60 -1.60
C ILE A 9 5.44 -22.79 -2.89
N THR A 10 5.72 -23.43 -4.01
CA THR A 10 5.67 -22.76 -5.31
C THR A 10 4.25 -22.31 -5.65
N ALA A 11 3.25 -23.14 -5.33
CA ALA A 11 1.86 -22.71 -5.53
C ALA A 11 1.56 -21.46 -4.69
N GLY A 12 2.02 -21.45 -3.44
CA GLY A 12 1.85 -20.29 -2.57
C GLY A 12 2.55 -19.06 -3.13
N ALA A 13 3.74 -19.27 -3.68
CA ALA A 13 4.54 -18.19 -4.24
C ALA A 13 3.86 -17.57 -5.47
N LEU A 14 3.26 -18.41 -6.30
CA LEU A 14 2.57 -17.91 -7.50
C LEU A 14 1.30 -17.15 -7.11
N ILE A 15 0.55 -17.66 -6.14
CA ILE A 15 -0.63 -16.93 -5.67
C ILE A 15 -0.20 -15.60 -5.01
N GLY A 16 0.81 -15.66 -4.15
CA GLY A 16 1.33 -14.44 -3.54
C GLY A 16 1.81 -13.42 -4.56
N GLY A 17 2.56 -13.90 -5.55
CA GLY A 17 3.05 -13.05 -6.61
C GLY A 17 1.90 -12.41 -7.40
N GLY A 18 0.84 -13.18 -7.61
CA GLY A 18 -0.34 -12.68 -8.30
C GLY A 18 -1.02 -11.57 -7.52
N LEU A 19 -1.11 -11.74 -6.20
CA LEU A 19 -1.70 -10.73 -5.32
C LEU A 19 -0.89 -9.43 -5.40
N ILE A 20 0.43 -9.58 -5.37
CA ILE A 20 1.33 -8.44 -5.45
C ILE A 20 1.13 -7.63 -6.74
N MET A 21 1.10 -8.32 -7.88
CA MET A 21 0.97 -7.63 -9.16
CA MET A 21 0.98 -7.65 -9.17
C MET A 21 -0.47 -7.20 -9.44
N GLY A 22 -1.44 -7.99 -9.00
CA GLY A 22 -2.83 -7.58 -9.11
C GLY A 22 -3.07 -6.27 -8.36
N GLY A 23 -2.59 -6.19 -7.12
CA GLY A 23 -2.74 -4.97 -6.34
C GLY A 23 -1.95 -3.82 -6.93
N GLY A 24 -0.75 -4.12 -7.42
CA GLY A 24 0.08 -3.10 -8.04
C GLY A 24 -0.64 -2.44 -9.21
N ALA A 25 -1.27 -3.25 -10.06
CA ALA A 25 -1.97 -2.68 -11.22
C ALA A 25 -3.23 -1.90 -10.86
N ILE A 26 -3.94 -2.32 -9.81
CA ILE A 26 -5.08 -1.56 -9.32
C ILE A 26 -4.61 -0.17 -8.84
N GLY A 27 -3.58 -0.17 -8.01
CA GLY A 27 -3.05 1.10 -7.52
C GLY A 27 -2.49 1.97 -8.63
N ALA A 28 -1.80 1.38 -9.60
CA ALA A 28 -1.17 2.18 -10.65
C ALA A 28 -2.19 2.70 -11.66
N GLY A 29 -3.11 1.84 -12.10
CA GLY A 29 -4.08 2.26 -13.09
C GLY A 29 -4.98 3.36 -12.54
N ILE A 30 -5.49 3.15 -11.35
CA ILE A 30 -6.41 4.14 -10.77
C ILE A 30 -5.64 5.39 -10.34
N GLY A 31 -4.48 5.21 -9.72
CA GLY A 31 -3.69 6.35 -9.29
C GLY A 31 -3.25 7.24 -10.45
N ASP A 32 -2.79 6.62 -11.53
CA ASP A 32 -2.37 7.39 -12.70
C ASP A 32 -3.57 8.06 -13.36
N GLY A 33 -4.69 7.35 -13.42
CA GLY A 33 -5.90 7.93 -13.99
C GLY A 33 -6.36 9.16 -13.21
N ILE A 34 -6.32 9.07 -11.89
CA ILE A 34 -6.70 10.20 -11.04
C ILE A 34 -5.73 11.38 -11.23
N ALA A 35 -4.44 11.09 -11.30
CA ALA A 35 -3.45 12.16 -11.52
C ALA A 35 -3.66 12.82 -12.89
N GLY A 36 -3.89 12.00 -13.89
CA GLY A 36 -4.07 12.48 -15.25
C GLY A 36 -5.36 13.25 -15.40
N ASN A 37 -6.39 12.88 -14.63
CA ASN A 37 -7.65 13.62 -14.62
C ASN A 37 -7.39 15.09 -14.26
N ALA A 38 -6.58 15.32 -13.24
CA ALA A 38 -6.21 16.70 -12.85
C ALA A 38 -5.36 17.38 -13.91
N LEU A 39 -4.44 16.64 -14.52
CA LEU A 39 -3.60 17.23 -15.57
C LEU A 39 -4.47 17.70 -16.75
N ILE A 40 -5.38 16.83 -17.20
CA ILE A 40 -6.26 17.18 -18.31
C ILE A 40 -7.12 18.39 -17.99
N SER A 41 -7.73 18.39 -16.81
CA SER A 41 -8.57 19.51 -16.39
C SER A 41 -7.77 20.80 -16.19
N GLY A 42 -6.56 20.68 -15.67
CA GLY A 42 -5.72 21.86 -15.45
C GLY A 42 -5.28 22.49 -16.75
N ILE A 43 -4.91 21.65 -17.70
CA ILE A 43 -4.52 22.15 -19.02
C ILE A 43 -5.71 22.78 -19.72
N ALA A 44 -6.89 22.19 -19.53
CA ALA A 44 -8.12 22.78 -20.07
C ALA A 44 -8.39 24.18 -19.50
N ARG A 45 -8.18 24.34 -18.19
CA ARG A 45 -8.48 25.59 -17.49
CA ARG A 45 -8.51 25.60 -17.53
C ARG A 45 -7.43 26.68 -17.70
N GLN A 46 -6.16 26.27 -17.77
CA GLN A 46 -5.03 27.19 -17.84
C GLN A 46 -3.99 26.79 -18.89
N PRO A 47 -4.34 26.92 -20.17
CA PRO A 47 -3.39 26.50 -21.22
C PRO A 47 -2.06 27.26 -21.22
N GLU A 48 -2.04 28.55 -20.85
CA GLU A 48 -0.80 29.34 -20.88
C GLU A 48 0.19 29.00 -19.76
N ALA A 49 -0.32 28.54 -18.63
CA ALA A 49 0.56 28.28 -17.48
C ALA A 49 0.65 26.80 -17.17
N GLN A 50 0.34 25.96 -18.16
CA GLN A 50 0.28 24.52 -17.95
C GLN A 50 1.64 23.88 -17.66
N GLY A 51 2.73 24.52 -18.09
CA GLY A 51 4.04 23.94 -17.88
C GLY A 51 4.34 23.64 -16.43
N ARG A 52 3.82 24.47 -15.54
CA ARG A 52 4.02 24.30 -14.10
C ARG A 52 3.27 23.09 -13.54
N LEU A 53 2.42 22.48 -14.36
CA LEU A 53 1.67 21.31 -13.91
C LEU A 53 2.45 20.03 -14.13
N PHE A 54 3.52 20.09 -14.90
CA PHE A 54 4.07 18.83 -15.38
C PHE A 54 5.02 18.20 -14.38
N THR A 55 5.80 19.00 -13.69
CA THR A 55 6.63 18.43 -12.64
C THR A 55 5.76 17.86 -11.49
N PRO A 56 4.70 18.60 -11.06
CA PRO A 56 3.80 17.95 -10.09
C PRO A 56 3.16 16.66 -10.62
N PHE A 57 2.80 16.62 -11.90
CA PHE A 57 2.23 15.39 -12.47
C PHE A 57 3.26 14.28 -12.46
N PHE A 58 4.50 14.61 -12.85
CA PHE A 58 5.49 13.56 -12.96
C PHE A 58 5.99 13.09 -11.60
N ILE A 59 5.98 13.98 -10.60
CA ILE A 59 6.25 13.56 -9.22
C ILE A 59 5.18 12.59 -8.75
N THR A 60 3.92 12.91 -9.04
CA THR A 60 2.82 12.05 -8.63
C THR A 60 2.89 10.69 -9.33
N VAL A 61 3.03 10.71 -10.65
CA VAL A 61 3.14 9.47 -11.42
C VAL A 61 4.38 8.68 -10.99
N GLY A 62 5.46 9.40 -10.67
CA GLY A 62 6.66 8.77 -10.15
C GLY A 62 6.40 7.98 -8.88
N LEU A 63 5.66 8.57 -7.95
CA LEU A 63 5.30 7.90 -6.71
C LEU A 63 4.42 6.67 -6.98
N VAL A 64 3.45 6.85 -7.86
CA VAL A 64 2.50 5.78 -8.15
C VAL A 64 3.23 4.62 -8.83
N GLU A 65 4.06 4.94 -9.82
CA GLU A 65 4.78 3.92 -10.57
C GLU A 65 5.85 3.23 -9.72
N ALA A 66 6.40 3.96 -8.75
CA ALA A 66 7.34 3.34 -7.83
C ALA A 66 6.67 2.21 -7.04
N ALA A 67 5.44 2.43 -6.58
CA ALA A 67 4.70 1.36 -5.93
C ALA A 67 4.51 0.17 -6.88
N TYR A 68 4.18 0.45 -8.13
CA TYR A 68 3.99 -0.65 -9.11
C TYR A 68 5.29 -1.44 -9.29
N PHE A 69 6.39 -0.75 -9.47
CA PHE A 69 7.62 -1.48 -9.80
C PHE A 69 8.34 -2.09 -8.60
N ILE A 70 8.18 -1.50 -7.42
CA ILE A 70 8.68 -2.16 -6.21
C ILE A 70 7.88 -3.44 -6.01
N ASN A 71 6.55 -3.37 -6.19
CA ASN A 71 5.75 -4.59 -6.13
C ASN A 71 6.22 -5.59 -7.19
N LEU A 72 6.46 -5.13 -8.41
CA LEU A 72 6.94 -6.05 -9.46
C LEU A 72 8.22 -6.77 -9.02
N ALA A 73 9.13 -6.03 -8.40
CA ALA A 73 10.41 -6.60 -7.95
C ALA A 73 10.17 -7.68 -6.92
N PHE A 74 9.23 -7.46 -6.00
CA PHE A 74 8.97 -8.47 -5.00
C PHE A 74 8.19 -9.65 -5.57
N MET A 75 7.35 -9.42 -6.57
CA MET A 75 6.74 -10.56 -7.27
C MET A 75 7.85 -11.42 -7.88
N ALA A 76 8.83 -10.77 -8.50
CA ALA A 76 9.93 -11.52 -9.12
C ALA A 76 10.71 -12.31 -8.08
N LEU A 77 10.95 -11.70 -6.93
CA LEU A 77 11.57 -12.43 -5.82
C LEU A 77 10.73 -13.66 -5.41
N PHE A 78 9.42 -13.46 -5.24
CA PHE A 78 8.52 -14.55 -4.83
C PHE A 78 8.61 -15.73 -5.80
N VAL A 79 8.63 -15.46 -7.11
CA VAL A 79 8.46 -16.55 -8.05
C VAL A 79 9.75 -17.06 -8.67
N PHE A 80 10.83 -16.27 -8.61
CA PHE A 80 12.12 -16.70 -9.16
C PHE A 80 13.20 -17.00 -8.10
N ALA A 81 13.03 -16.45 -6.90
CA ALA A 81 13.96 -16.69 -5.81
C ALA A 81 13.20 -16.91 -4.51
N THR A 82 12.29 -17.88 -4.55
CA THR A 82 11.25 -18.02 -3.53
C THR A 82 11.84 -18.16 -2.13
N PRO A 83 11.53 -17.19 -1.24
CA PRO A 83 11.99 -17.32 0.15
C PRO A 83 11.32 -18.52 0.83
N GLY A 84 12.11 -19.38 1.46
CA GLY A 84 11.57 -20.54 2.13
C GLY A 84 11.47 -21.78 1.27
N LEU A 85 11.90 -21.69 0.02
CA LEU A 85 11.91 -22.88 -0.85
C LEU A 85 12.82 -23.95 -0.22
N GLN A 86 12.42 -25.21 -0.35
CA GLN A 86 13.16 -26.29 0.30
C GLN A 86 14.04 -27.05 -0.68
N GLU B 2 6.66 -36.30 0.38
CA GLU B 2 5.29 -35.86 0.61
C GLU B 2 5.24 -34.37 0.94
N LEU B 3 4.66 -34.03 2.09
CA LEU B 3 4.69 -32.65 2.55
C LEU B 3 5.41 -32.60 3.90
N ASP B 4 5.71 -31.40 4.38
CA ASP B 4 6.19 -31.25 5.76
C ASP B 4 5.54 -29.99 6.33
N PRO B 5 5.58 -29.81 7.67
CA PRO B 5 4.88 -28.66 8.25
C PRO B 5 5.29 -27.30 7.64
N ASN B 6 6.58 -27.10 7.39
CA ASN B 6 7.00 -25.81 6.88
C ASN B 6 6.56 -25.53 5.45
N ALA B 7 6.27 -26.57 4.67
CA ALA B 7 5.75 -26.32 3.33
C ALA B 7 4.42 -25.58 3.42
N LEU B 8 3.57 -26.00 4.36
CA LEU B 8 2.28 -25.36 4.51
C LEU B 8 2.41 -23.97 5.14
N ILE B 9 3.27 -23.86 6.14
CA ILE B 9 3.49 -22.56 6.78
C ILE B 9 4.07 -21.54 5.80
N THR B 10 5.07 -21.96 5.04
CA THR B 10 5.69 -21.06 4.06
C THR B 10 4.71 -20.67 2.95
N ALA B 11 3.88 -21.61 2.50
CA ALA B 11 2.86 -21.26 1.50
C ALA B 11 1.92 -20.19 2.07
N GLY B 12 1.50 -20.35 3.32
CA GLY B 12 0.67 -19.34 3.99
C GLY B 12 1.38 -17.99 4.14
N ALA B 13 2.66 -18.04 4.47
CA ALA B 13 3.45 -16.80 4.58
C ALA B 13 3.55 -16.04 3.26
N LEU B 14 3.74 -16.78 2.17
CA LEU B 14 3.83 -16.12 0.85
C LEU B 14 2.49 -15.54 0.44
N ILE B 15 1.40 -16.25 0.70
CA ILE B 15 0.07 -15.69 0.41
C ILE B 15 -0.19 -14.47 1.31
N GLY B 16 0.07 -14.61 2.61
CA GLY B 16 -0.06 -13.48 3.52
C GLY B 16 0.79 -12.28 3.11
N GLY B 17 2.05 -12.54 2.76
CA GLY B 17 2.95 -11.50 2.29
C GLY B 17 2.42 -10.80 1.05
N GLY B 18 1.87 -11.58 0.12
CA GLY B 18 1.30 -11.01 -1.09
C GLY B 18 0.09 -10.12 -0.79
N LEU B 19 -0.75 -10.53 0.16
CA LEU B 19 -1.89 -9.69 0.55
C LEU B 19 -1.41 -8.37 1.13
N ILE B 20 -0.38 -8.44 1.95
CA ILE B 20 0.17 -7.25 2.59
C ILE B 20 0.66 -6.25 1.53
N MET B 21 1.43 -6.73 0.56
CA MET B 21 2.01 -5.83 -0.44
CA MET B 21 2.02 -5.85 -0.45
C MET B 21 1.01 -5.43 -1.51
N GLY B 22 0.08 -6.34 -1.83
CA GLY B 22 -0.98 -6.03 -2.78
C GLY B 22 -1.81 -4.88 -2.22
N GLY B 23 -2.20 -5.00 -0.95
CA GLY B 23 -3.00 -3.95 -0.33
C GLY B 23 -2.21 -2.66 -0.17
N GLY B 24 -0.92 -2.81 0.16
CA GLY B 24 -0.06 -1.64 0.30
C GLY B 24 0.00 -0.84 -0.99
N ALA B 25 0.15 -1.51 -2.12
CA ALA B 25 0.22 -0.77 -3.40
C ALA B 25 -1.11 -0.15 -3.81
N ILE B 26 -2.21 -0.79 -3.46
CA ILE B 26 -3.53 -0.22 -3.75
C ILE B 26 -3.69 1.09 -2.97
N GLY B 27 -3.41 1.02 -1.67
CA GLY B 27 -3.48 2.22 -0.84
C GLY B 27 -2.52 3.31 -1.26
N ALA B 28 -1.28 2.94 -1.60
CA ALA B 28 -0.27 3.95 -1.93
C ALA B 28 -0.50 4.55 -3.30
N GLY B 29 -0.77 3.71 -4.29
CA GLY B 29 -1.00 4.24 -5.62
C GLY B 29 -2.21 5.14 -5.70
N ILE B 30 -3.33 4.72 -5.12
CA ILE B 30 -4.53 5.56 -5.16
C ILE B 30 -4.41 6.77 -4.22
N GLY B 31 -3.88 6.56 -3.01
CA GLY B 31 -3.67 7.67 -2.10
C GLY B 31 -2.75 8.77 -2.65
N ASP B 32 -1.63 8.35 -3.24
CA ASP B 32 -0.70 9.32 -3.85
C ASP B 32 -1.32 10.00 -5.06
N GLY B 33 -2.09 9.25 -5.86
CA GLY B 33 -2.72 9.83 -7.03
C GLY B 33 -3.73 10.90 -6.59
N ILE B 34 -4.48 10.59 -5.54
CA ILE B 34 -5.46 11.54 -5.03
C ILE B 34 -4.79 12.80 -4.45
N ALA B 35 -3.68 12.62 -3.74
CA ALA B 35 -2.92 13.77 -3.24
C ALA B 35 -2.38 14.64 -4.37
N GLY B 36 -1.81 13.99 -5.38
CA GLY B 36 -1.25 14.71 -6.51
C GLY B 36 -2.33 15.38 -7.33
N ASN B 37 -3.50 14.76 -7.42
CA ASN B 37 -4.63 15.40 -8.09
C ASN B 37 -4.90 16.78 -7.49
N ALA B 38 -4.91 16.86 -6.16
CA ALA B 38 -5.16 18.14 -5.51
C ALA B 38 -4.02 19.13 -5.73
N LEU B 39 -2.79 18.64 -5.68
CA LEU B 39 -1.63 19.50 -5.95
C LEU B 39 -1.70 20.12 -7.34
N ILE B 40 -1.98 19.28 -8.34
CA ILE B 40 -2.06 19.75 -9.74
C ILE B 40 -3.19 20.76 -9.90
N SER B 41 -4.36 20.44 -9.36
CA SER B 41 -5.50 21.35 -9.48
C SER B 41 -5.28 22.65 -8.72
N GLY B 42 -4.62 22.53 -7.57
CA GLY B 42 -4.34 23.72 -6.77
C GLY B 42 -3.41 24.67 -7.49
N ILE B 43 -2.40 24.11 -8.14
CA ILE B 43 -1.46 24.94 -8.89
C ILE B 43 -2.14 25.56 -10.12
N ALA B 44 -2.98 24.77 -10.79
CA ALA B 44 -3.72 25.28 -11.95
C ALA B 44 -4.65 26.43 -11.56
N ARG B 45 -5.23 26.35 -10.37
CA ARG B 45 -6.11 27.41 -9.89
C ARG B 45 -5.33 28.68 -9.56
N GLN B 46 -4.23 28.51 -8.83
CA GLN B 46 -3.40 29.64 -8.43
C GLN B 46 -1.92 29.34 -8.71
N PRO B 47 -1.47 29.64 -9.94
CA PRO B 47 -0.15 29.27 -10.46
C PRO B 47 1.04 29.58 -9.54
N GLU B 48 0.89 30.51 -8.60
CA GLU B 48 1.94 30.72 -7.60
C GLU B 48 1.46 30.41 -6.18
N ALA B 49 0.46 29.54 -6.07
CA ALA B 49 0.12 28.93 -4.79
C ALA B 49 1.12 27.81 -4.56
N GLN B 50 1.85 27.51 -5.63
CA GLN B 50 2.84 26.45 -5.71
C GLN B 50 3.61 26.22 -4.41
N GLY B 51 4.31 27.25 -3.95
CA GLY B 51 5.14 27.15 -2.77
C GLY B 51 4.43 26.69 -1.51
N ARG B 52 3.23 27.20 -1.28
CA ARG B 52 2.53 26.89 -0.04
C ARG B 52 1.81 25.54 -0.10
N LEU B 53 1.80 24.92 -1.26
CA LEU B 53 1.10 23.63 -1.38
C LEU B 53 2.04 22.46 -1.14
N PHE B 54 3.33 22.73 -1.15
CA PHE B 54 4.32 21.66 -1.05
C PHE B 54 4.25 20.97 0.31
N THR B 55 4.15 21.75 1.38
CA THR B 55 4.09 21.21 2.73
C THR B 55 2.86 20.30 2.94
N PRO B 56 1.65 20.77 2.60
CA PRO B 56 0.54 19.83 2.80
C PRO B 56 0.60 18.61 1.87
N PHE B 57 1.18 18.76 0.68
CA PHE B 57 1.32 17.62 -0.23
C PHE B 57 2.28 16.61 0.38
N PHE B 58 3.40 17.11 0.89
CA PHE B 58 4.41 16.19 1.46
C PHE B 58 3.93 15.52 2.73
N ILE B 59 3.14 16.22 3.54
CA ILE B 59 2.58 15.59 4.73
C ILE B 59 1.61 14.46 4.33
N THR B 60 0.77 14.72 3.34
CA THR B 60 -0.18 13.72 2.88
C THR B 60 0.54 12.50 2.30
N VAL B 61 1.51 12.76 1.42
CA VAL B 61 2.26 11.67 0.79
C VAL B 61 3.05 10.90 1.83
N GLY B 62 3.61 11.62 2.80
CA GLY B 62 4.32 10.99 3.92
C GLY B 62 3.46 9.99 4.67
N LEU B 63 2.22 10.37 4.95
CA LEU B 63 1.30 9.48 5.63
C LEU B 63 0.96 8.25 4.78
N VAL B 64 0.67 8.50 3.50
CA VAL B 64 0.33 7.41 2.58
C VAL B 64 1.50 6.44 2.45
N GLU B 65 2.69 6.99 2.27
CA GLU B 65 3.89 6.18 2.07
C GLU B 65 4.29 5.43 3.34
N ALA B 66 3.95 5.99 4.50
CA ALA B 66 4.18 5.28 5.76
C ALA B 66 3.43 3.95 5.79
N ALA B 67 2.19 3.94 5.30
CA ALA B 67 1.41 2.70 5.25
C ALA B 67 2.07 1.71 4.30
N TYR B 68 2.55 2.19 3.16
CA TYR B 68 3.20 1.29 2.20
C TYR B 68 4.45 0.66 2.84
N PHE B 69 5.27 1.49 3.48
CA PHE B 69 6.55 1.03 4.01
C PHE B 69 6.40 0.12 5.22
N ILE B 70 5.44 0.45 6.10
CA ILE B 70 5.21 -0.41 7.26
C ILE B 70 4.68 -1.77 6.78
N ASN B 71 3.81 -1.76 5.78
CA ASN B 71 3.36 -3.02 5.19
C ASN B 71 4.54 -3.80 4.60
N LEU B 72 5.42 -3.10 3.88
CA LEU B 72 6.58 -3.74 3.28
C LEU B 72 7.41 -4.45 4.34
N ALA B 73 7.66 -3.77 5.46
CA ALA B 73 8.43 -4.37 6.55
C ALA B 73 7.78 -5.64 7.07
N PHE B 74 6.45 -5.65 7.20
CA PHE B 74 5.82 -6.85 7.71
C PHE B 74 5.74 -7.94 6.65
N MET B 75 5.65 -7.58 5.37
CA MET B 75 5.79 -8.63 4.36
C MET B 75 7.16 -9.29 4.48
N ALA B 76 8.18 -8.47 4.68
CA ALA B 76 9.54 -9.00 4.82
C ALA B 76 9.66 -9.92 6.01
N LEU B 77 9.08 -9.52 7.15
CA LEU B 77 8.99 -10.43 8.30
C LEU B 77 8.29 -11.75 7.94
N PHE B 78 7.12 -11.64 7.32
CA PHE B 78 6.36 -12.83 6.95
C PHE B 78 7.16 -13.82 6.09
N VAL B 79 7.91 -13.33 5.11
CA VAL B 79 8.51 -14.27 4.17
C VAL B 79 9.99 -14.56 4.44
N PHE B 80 10.69 -13.69 5.16
CA PHE B 80 12.11 -13.92 5.46
C PHE B 80 12.36 -14.38 6.91
N ALA B 81 11.39 -14.17 7.78
CA ALA B 81 11.54 -14.62 9.18
C ALA B 81 10.20 -15.07 9.72
N THR B 82 9.59 -16.02 9.02
CA THR B 82 8.20 -16.37 9.24
C THR B 82 7.86 -16.68 10.68
N PRO B 83 6.97 -15.88 11.28
CA PRO B 83 6.55 -16.22 12.65
C PRO B 83 5.77 -17.53 12.65
N GLY B 84 6.15 -18.44 13.54
CA GLY B 84 5.47 -19.73 13.64
C GLY B 84 6.13 -20.84 12.83
N LEU B 85 7.22 -20.53 12.14
CA LEU B 85 7.93 -21.56 11.37
C LEU B 85 8.35 -22.68 12.31
N GLN B 86 8.26 -23.92 11.83
CA GLN B 86 8.62 -25.08 12.65
C GLN B 86 9.97 -25.64 12.23
N MET C 1 8.66 -35.78 7.31
CA MET C 1 8.00 -34.96 8.32
C MET C 1 6.49 -34.95 8.11
N GLU C 2 5.75 -35.39 9.12
CA GLU C 2 4.30 -35.45 9.03
C GLU C 2 3.71 -34.07 9.29
N LEU C 3 2.64 -33.69 8.59
CA LEU C 3 1.96 -32.43 8.90
C LEU C 3 1.48 -32.48 10.35
N ASP C 4 1.24 -31.33 10.93
CA ASP C 4 0.71 -31.29 12.29
C ASP C 4 -0.33 -30.17 12.37
N PRO C 5 -1.18 -30.19 13.40
CA PRO C 5 -2.26 -29.20 13.48
C PRO C 5 -1.77 -27.75 13.43
N ASN C 6 -0.69 -27.42 14.13
CA ASN C 6 -0.25 -26.02 14.14
C ASN C 6 0.28 -25.54 12.82
N ALA C 7 0.71 -26.46 11.96
CA ALA C 7 1.14 -26.03 10.63
C ALA C 7 -0.04 -25.41 9.88
N LEU C 8 -1.21 -26.05 9.97
CA LEU C 8 -2.40 -25.54 9.31
C LEU C 8 -2.92 -24.26 10.00
N ILE C 9 -2.91 -24.26 11.34
CA ILE C 9 -3.36 -23.09 12.08
C ILE C 9 -2.48 -21.88 11.78
N THR C 10 -1.17 -22.09 11.78
CA THR C 10 -0.24 -21.00 11.49
C THR C 10 -0.38 -20.48 10.05
N ALA C 11 -0.59 -21.38 9.09
CA ALA C 11 -0.85 -20.93 7.71
C ALA C 11 -2.10 -20.04 7.66
N GLY C 12 -3.16 -20.45 8.35
CA GLY C 12 -4.36 -19.63 8.42
C GLY C 12 -4.11 -18.29 9.10
N ALA C 13 -3.31 -18.31 10.16
CA ALA C 13 -2.97 -17.08 10.87
C ALA C 13 -2.23 -16.07 10.00
N LEU C 14 -1.29 -16.57 9.21
CA LEU C 14 -0.51 -15.72 8.32
C LEU C 14 -1.39 -15.15 7.19
N ILE C 15 -2.28 -15.97 6.64
CA ILE C 15 -3.21 -15.45 5.64
C ILE C 15 -4.15 -14.41 6.27
N GLY C 16 -4.73 -14.76 7.43
CA GLY C 16 -5.59 -13.83 8.14
C GLY C 16 -4.87 -12.53 8.49
N GLY C 17 -3.64 -12.65 8.98
CA GLY C 17 -2.84 -11.48 9.30
C GLY C 17 -2.57 -10.61 8.07
N GLY C 18 -2.34 -11.27 6.94
CA GLY C 18 -2.12 -10.56 5.68
C GLY C 18 -3.38 -9.80 5.23
N LEU C 19 -4.55 -10.42 5.40
CA LEU C 19 -5.81 -9.75 5.07
C LEU C 19 -6.00 -8.51 5.94
N ILE C 20 -5.71 -8.65 7.23
CA ILE C 20 -5.86 -7.53 8.16
C ILE C 20 -4.99 -6.36 7.76
N MET C 21 -3.72 -6.61 7.48
CA MET C 21 -2.78 -5.53 7.14
C MET C 21 -2.97 -5.02 5.71
N GLY C 22 -3.32 -5.91 4.78
CA GLY C 22 -3.65 -5.49 3.43
C GLY C 22 -4.84 -4.53 3.43
N GLY C 23 -5.90 -4.87 4.15
CA GLY C 23 -7.05 -3.98 4.22
C GLY C 23 -6.75 -2.69 4.96
N GLY C 24 -5.93 -2.81 6.02
CA GLY C 24 -5.50 -1.64 6.78
C GLY C 24 -4.82 -0.62 5.89
N ALA C 25 -3.90 -1.07 5.04
CA ALA C 25 -3.18 -0.14 4.16
C ALA C 25 -4.07 0.47 3.07
N ILE C 26 -5.02 -0.30 2.56
CA ILE C 26 -5.98 0.24 1.59
C ILE C 26 -6.78 1.37 2.24
N GLY C 27 -7.34 1.12 3.40
CA GLY C 27 -8.12 2.14 4.11
C GLY C 27 -7.28 3.35 4.49
N ALA C 28 -6.06 3.12 4.99
CA ALA C 28 -5.22 4.23 5.45
C ALA C 28 -4.68 5.05 4.29
N GLY C 29 -4.17 4.38 3.25
CA GLY C 29 -3.61 5.10 2.12
C GLY C 29 -4.66 5.95 1.43
N ILE C 30 -5.82 5.36 1.15
CA ILE C 30 -6.85 6.08 0.43
C ILE C 30 -7.53 7.12 1.34
N GLY C 31 -7.84 6.74 2.58
CA GLY C 31 -8.42 7.70 3.50
C GLY C 31 -7.56 8.92 3.75
N ASP C 32 -6.25 8.71 3.93
CA ASP C 32 -5.33 9.83 4.14
C ASP C 32 -5.20 10.69 2.89
N GLY C 33 -5.17 10.05 1.72
CA GLY C 33 -5.09 10.81 0.47
C GLY C 33 -6.33 11.68 0.28
N ILE C 34 -7.50 11.12 0.62
CA ILE C 34 -8.75 11.87 0.46
C ILE C 34 -8.78 13.06 1.44
N ALA C 35 -8.34 12.83 2.67
CA ALA C 35 -8.27 13.92 3.65
C ALA C 35 -7.30 15.00 3.18
N GLY C 36 -6.15 14.56 2.67
CA GLY C 36 -5.14 15.50 2.20
C GLY C 36 -5.60 16.28 0.98
N ASN C 37 -6.44 15.66 0.15
CA ASN C 37 -6.99 16.34 -1.01
C ASN C 37 -7.74 17.61 -0.60
N ALA C 38 -8.55 17.51 0.47
CA ALA C 38 -9.27 18.68 0.96
C ALA C 38 -8.34 19.73 1.59
N LEU C 39 -7.33 19.26 2.31
CA LEU C 39 -6.34 20.17 2.92
C LEU C 39 -5.60 20.99 1.85
N ILE C 40 -5.11 20.29 0.83
CA ILE C 40 -4.35 20.93 -0.25
C ILE C 40 -5.23 21.91 -1.01
N SER C 41 -6.42 21.45 -1.37
CA SER C 41 -7.38 22.29 -2.09
C SER C 41 -7.78 23.54 -1.30
N GLY C 42 -7.96 23.37 0.00
CA GLY C 42 -8.37 24.47 0.86
C GLY C 42 -7.29 25.52 1.00
N ILE C 43 -6.05 25.07 1.12
CA ILE C 43 -4.94 26.01 1.20
C ILE C 43 -4.72 26.72 -0.12
N ALA C 44 -4.90 26.00 -1.23
CA ALA C 44 -4.81 26.64 -2.55
C ALA C 44 -5.87 27.74 -2.72
N ARG C 45 -7.06 27.49 -2.19
CA ARG C 45 -8.19 28.42 -2.33
C ARG C 45 -8.00 29.64 -1.43
N GLN C 46 -7.53 29.41 -0.21
CA GLN C 46 -7.29 30.47 0.75
C GLN C 46 -6.04 30.20 1.57
N PRO C 47 -4.91 30.80 1.14
CA PRO C 47 -3.56 30.69 1.71
C PRO C 47 -3.48 30.78 3.23
N GLU C 48 -4.13 31.79 3.80
CA GLU C 48 -4.03 32.06 5.23
C GLU C 48 -4.99 31.22 6.07
N ALA C 49 -5.67 30.28 5.42
CA ALA C 49 -6.54 29.35 6.15
C ALA C 49 -5.76 28.10 6.53
N GLN C 50 -4.47 28.10 6.23
CA GLN C 50 -3.63 26.94 6.46
C GLN C 50 -3.69 26.42 7.89
N GLY C 51 -3.41 27.30 8.85
CA GLY C 51 -3.48 26.91 10.25
C GLY C 51 -4.83 26.33 10.61
N ARG C 52 -5.90 27.02 10.20
CA ARG C 52 -7.26 26.60 10.47
C ARG C 52 -7.54 25.18 9.98
N LEU C 53 -7.03 24.85 8.81
CA LEU C 53 -7.42 23.59 8.17
C LEU C 53 -6.64 22.38 8.66
N PHE C 54 -5.48 22.59 9.26
CA PHE C 54 -4.75 21.46 9.80
C PHE C 54 -5.50 20.82 10.97
N THR C 55 -6.33 21.59 11.67
CA THR C 55 -7.06 21.01 12.80
C THR C 55 -8.06 19.91 12.36
N PRO C 56 -9.00 20.23 11.45
CA PRO C 56 -9.86 19.11 11.01
C PRO C 56 -9.11 18.03 10.23
N PHE C 57 -8.01 18.41 9.59
CA PHE C 57 -7.19 17.41 8.86
C PHE C 57 -6.63 16.38 9.83
N PHE C 58 -6.09 16.84 10.96
CA PHE C 58 -5.47 15.88 11.88
C PHE C 58 -6.53 15.07 12.64
N ILE C 59 -7.71 15.63 12.83
CA ILE C 59 -8.81 14.86 13.41
C ILE C 59 -9.14 13.69 12.48
N THR C 60 -9.25 14.00 11.18
CA THR C 60 -9.56 12.99 10.18
C THR C 60 -8.46 11.93 10.07
N VAL C 61 -7.21 12.39 9.95
CA VAL C 61 -6.08 11.46 9.86
C VAL C 61 -5.97 10.60 11.13
N GLY C 62 -6.30 11.18 12.28
CA GLY C 62 -6.30 10.42 13.52
C GLY C 62 -7.27 9.25 13.44
N LEU C 63 -8.47 9.51 12.92
CA LEU C 63 -9.48 8.46 12.79
C LEU C 63 -9.02 7.38 11.81
N VAL C 64 -8.48 7.82 10.69
CA VAL C 64 -8.02 6.90 9.66
C VAL C 64 -6.87 6.03 10.17
N GLU C 65 -5.92 6.66 10.84
CA GLU C 65 -4.75 5.93 11.33
C GLU C 65 -5.10 5.01 12.49
N ALA C 66 -6.15 5.35 13.25
CA ALA C 66 -6.60 4.46 14.32
C ALA C 66 -7.01 3.10 13.74
N ALA C 67 -7.67 3.12 12.59
CA ALA C 67 -8.06 1.88 11.93
C ALA C 67 -6.80 1.09 11.55
N TYR C 68 -5.81 1.78 10.99
CA TYR C 68 -4.59 1.12 10.54
C TYR C 68 -3.89 0.44 11.72
N PHE C 69 -3.76 1.16 12.83
CA PHE C 69 -2.95 0.61 13.91
C PHE C 69 -3.71 -0.37 14.80
N ILE C 70 -5.03 -0.23 14.91
CA ILE C 70 -5.79 -1.27 15.59
C ILE C 70 -5.71 -2.56 14.76
N ASN C 71 -5.79 -2.44 13.44
CA ASN C 71 -5.62 -3.62 12.58
C ASN C 71 -4.22 -4.20 12.78
N LEU C 72 -3.21 -3.34 12.87
CA LEU C 72 -1.84 -3.82 13.04
C LEU C 72 -1.73 -4.63 14.34
N ALA C 73 -2.35 -4.14 15.40
CA ALA C 73 -2.33 -4.84 16.70
C ALA C 73 -2.93 -6.24 16.57
N PHE C 74 -4.03 -6.35 15.83
CA PHE C 74 -4.65 -7.66 15.71
C PHE C 74 -3.90 -8.56 14.73
N MET C 75 -3.25 -8.00 13.72
CA MET C 75 -2.34 -8.83 12.92
C MET C 75 -1.24 -9.41 13.83
N ALA C 76 -0.72 -8.58 14.71
CA ALA C 76 0.32 -9.05 15.63
C ALA C 76 -0.20 -10.15 16.56
N LEU C 77 -1.42 -10.00 17.06
CA LEU C 77 -2.06 -11.07 17.84
C LEU C 77 -2.16 -12.36 17.01
N PHE C 78 -2.61 -12.24 15.77
CA PHE C 78 -2.80 -13.40 14.90
C PHE C 78 -1.49 -14.15 14.68
N VAL C 79 -0.41 -13.43 14.42
CA VAL C 79 0.82 -14.12 14.00
C VAL C 79 1.81 -14.40 15.13
N PHE C 80 1.74 -13.65 16.24
CA PHE C 80 2.68 -13.86 17.35
C PHE C 80 2.07 -14.54 18.58
N ALA C 81 0.75 -14.48 18.70
CA ALA C 81 0.02 -15.09 19.82
C ALA C 81 -1.27 -15.72 19.32
N THR C 82 -1.11 -16.58 18.33
CA THR C 82 -2.23 -17.09 17.54
C THR C 82 -3.34 -17.71 18.37
N PRO C 83 -4.54 -17.08 18.34
CA PRO C 83 -5.68 -17.66 19.04
C PRO C 83 -6.01 -19.02 18.45
N GLY C 84 -6.11 -20.04 19.29
CA GLY C 84 -6.48 -21.36 18.82
C GLY C 84 -5.30 -22.27 18.53
N LEU C 85 -4.09 -21.76 18.71
CA LEU C 85 -2.91 -22.62 18.51
C LEU C 85 -2.99 -23.82 19.45
N GLN C 86 -2.57 -24.99 18.97
CA GLN C 86 -2.71 -26.21 19.76
C GLN C 86 -1.39 -26.62 20.40
#